data_2XXZ
#
_entry.id   2XXZ
#
_cell.length_a   56.757
_cell.length_b   71.431
_cell.length_c   159.698
_cell.angle_alpha   90.00
_cell.angle_beta   90.00
_cell.angle_gamma   90.00
#
_symmetry.space_group_name_H-M   'P 21 21 21'
#
loop_
_entity.id
_entity.type
_entity.pdbx_description
1 polymer 'LYSINE-SPECIFIC DEMETHYLASE 6B'
2 non-polymer 'NICKEL (II) ION'
3 non-polymer 'SODIUM ION'
4 non-polymer 1,2-ETHANEDIOL
5 non-polymer '8-hydroxyquinoline-5-carboxylic acid'
6 water water
#
_entity_poly.entity_id   1
_entity_poly.type   'polypeptide(L)'
_entity_poly.pdbx_seq_one_letter_code
;SMLPREKLNPPTPSIYLESKRDAFSPVLLQFCTDPRNPITVIRGLAGSLRLNLGLFSTKTLVEASGEHTVEVRTQVQQPS
DENWDLTGTRQIWPCESSRSHTTIAKYAQYQASSFQESLQEEKESEDEESEEPDSTTGTPPSSAPDPKNHHIIKFGTNID
LSDAKRWKPQLQELLKLPAFMRVTSTGNMLSHVGHTILGMNTVQLYMKVPGSRTPGHQENNNFCSVNINIGPGDCEWFAV
HEHYWETISAFCDRHGVDYLTGSWWPILDDLYASNIPVYRFVQRPGDLVWINAGTVHWVQATGWCNNIAWNVGPLTAYQY
QLALERYEWNEV
;
_entity_poly.pdbx_strand_id   A,B
#
# COMPACT_ATOMS: atom_id res chain seq x y z
N ARG A 5 9.29 2.81 -21.34
CA ARG A 5 10.45 3.69 -21.04
C ARG A 5 10.38 4.32 -19.65
N GLU A 6 9.16 4.52 -19.14
CA GLU A 6 8.94 5.12 -17.80
C GLU A 6 8.12 4.25 -16.81
N LYS A 7 7.35 3.30 -17.33
CA LYS A 7 6.76 2.23 -16.50
C LYS A 7 7.87 1.31 -15.96
N LEU A 8 9.05 1.38 -16.55
CA LEU A 8 10.18 0.57 -16.11
C LEU A 8 11.03 1.18 -15.00
N ASN A 9 10.79 2.46 -14.68
CA ASN A 9 11.47 3.15 -13.58
C ASN A 9 10.39 3.56 -12.54
N PRO A 10 9.68 2.57 -11.97
CA PRO A 10 8.56 2.94 -11.11
C PRO A 10 9.01 3.63 -9.80
N PRO A 11 8.13 4.49 -9.24
CA PRO A 11 8.47 5.10 -7.96
C PRO A 11 8.50 4.04 -6.87
N THR A 12 9.39 4.21 -5.90
CA THR A 12 9.50 3.28 -4.80
C THR A 12 8.48 3.66 -3.72
N PRO A 13 7.69 2.69 -3.22
CA PRO A 13 6.71 2.97 -2.16
C PRO A 13 7.46 3.51 -0.94
N SER A 14 7.03 4.67 -0.45
CA SER A 14 7.77 5.40 0.57
CA SER A 14 7.77 5.39 0.58
C SER A 14 6.81 6.07 1.53
N ILE A 15 7.10 5.96 2.83
CA ILE A 15 6.30 6.54 3.90
C ILE A 15 7.21 7.47 4.73
N TYR A 16 6.74 8.69 5.04
CA TYR A 16 7.40 9.50 6.04
C TYR A 16 6.50 9.62 7.26
N LEU A 17 7.00 9.22 8.43
CA LEU A 17 6.25 9.30 9.68
C LEU A 17 6.64 10.51 10.51
N GLU A 18 5.72 11.46 10.63
CA GLU A 18 5.93 12.64 11.49
C GLU A 18 5.74 12.27 12.98
N SER A 19 4.96 11.23 13.28
CA SER A 19 4.64 10.86 14.66
C SER A 19 4.83 9.37 14.86
N LYS A 20 5.36 9.00 16.03
CA LYS A 20 5.52 7.60 16.36
C LYS A 20 4.20 6.87 16.44
N ARG A 21 3.09 7.59 16.66
CA ARG A 21 1.82 6.89 16.81
C ARG A 21 1.46 6.16 15.56
N ASP A 22 1.90 6.68 14.43
CA ASP A 22 1.58 6.06 13.17
C ASP A 22 2.43 4.86 12.81
N ALA A 23 3.51 4.63 13.54
CA ALA A 23 4.32 3.45 13.34
C ALA A 23 3.66 2.22 13.97
N PHE A 24 2.98 2.40 15.11
CA PHE A 24 2.34 1.32 15.88
C PHE A 24 0.89 1.06 15.44
N SER A 25 0.74 0.80 14.15
CA SER A 25 -0.55 0.83 13.48
C SER A 25 -0.63 -0.26 12.49
N PRO A 26 -1.80 -0.94 12.43
CA PRO A 26 -2.01 -1.86 11.38
C PRO A 26 -2.11 -1.20 10.02
N VAL A 27 -2.33 0.12 9.95
CA VAL A 27 -2.38 0.73 8.64
C VAL A 27 -1.02 0.67 7.99
N LEU A 28 0.02 1.00 8.75
CA LEU A 28 1.41 0.90 8.24
C LEU A 28 1.77 -0.53 7.86
N LEU A 29 1.42 -1.48 8.74
CA LEU A 29 1.57 -2.94 8.43
C LEU A 29 1.00 -3.30 7.09
N GLN A 30 -0.25 -2.91 6.84
CA GLN A 30 -0.93 -3.24 5.60
C GLN A 30 -0.29 -2.62 4.41
N PHE A 31 0.17 -1.39 4.53
CA PHE A 31 0.89 -0.73 3.43
C PHE A 31 2.13 -1.54 3.04
N CYS A 32 2.92 -1.95 4.02
CA CYS A 32 4.17 -2.69 3.79
C CYS A 32 3.96 -4.09 3.21
N THR A 33 2.96 -4.80 3.75
CA THR A 33 2.74 -6.20 3.36
C THR A 33 1.96 -6.35 2.06
N ASP A 34 1.48 -5.23 1.50
CA ASP A 34 0.83 -5.19 0.19
C ASP A 34 1.81 -5.76 -0.83
N PRO A 35 1.45 -6.88 -1.47
CA PRO A 35 2.38 -7.56 -2.38
C PRO A 35 2.67 -6.74 -3.65
N ARG A 36 1.92 -5.68 -3.90
CA ARG A 36 2.23 -4.81 -5.03
C ARG A 36 3.45 -3.93 -4.75
N ASN A 37 3.87 -3.85 -3.49
CA ASN A 37 5.06 -3.12 -3.02
C ASN A 37 6.22 -4.08 -2.75
N PRO A 38 7.10 -4.32 -3.74
CA PRO A 38 8.19 -5.28 -3.55
C PRO A 38 9.04 -4.88 -2.36
N ILE A 39 9.19 -3.58 -2.17
CA ILE A 39 9.74 -3.04 -0.95
C ILE A 39 8.96 -1.79 -0.56
N THR A 40 9.14 -1.37 0.68
CA THR A 40 8.66 -0.08 1.15
C THR A 40 9.75 0.59 1.97
N VAL A 41 10.01 1.86 1.73
CA VAL A 41 10.97 2.61 2.52
C VAL A 41 10.24 3.49 3.54
N ILE A 42 10.56 3.31 4.82
CA ILE A 42 9.92 4.01 5.89
C ILE A 42 10.95 5.01 6.45
N ARG A 43 10.66 6.27 6.26
CA ARG A 43 11.49 7.37 6.79
C ARG A 43 10.85 8.02 8.02
N GLY A 44 11.68 8.57 8.89
CA GLY A 44 11.19 9.17 10.11
C GLY A 44 10.87 8.26 11.27
N LEU A 45 10.99 6.95 11.04
CA LEU A 45 10.67 5.97 12.06
C LEU A 45 11.77 5.89 13.11
N ALA A 46 13.00 5.75 12.67
CA ALA A 46 14.12 5.75 13.64
C ALA A 46 14.10 7.01 14.46
N GLY A 47 13.88 8.13 13.80
CA GLY A 47 13.73 9.39 14.48
C GLY A 47 12.58 9.44 15.45
N SER A 48 11.38 9.07 15.00
CA SER A 48 10.19 9.10 15.84
C SER A 48 10.30 8.23 17.08
N LEU A 49 10.95 7.09 16.91
CA LEU A 49 11.14 6.12 17.99
C LEU A 49 12.35 6.43 18.84
N ARG A 50 13.15 7.42 18.43
CA ARG A 50 14.36 7.79 19.15
C ARG A 50 15.27 6.60 19.35
N LEU A 51 15.48 5.84 18.29
CA LEU A 51 16.36 4.70 18.33
C LEU A 51 17.81 5.16 18.46
N ASN A 52 18.52 4.58 19.41
CA ASN A 52 19.94 4.87 19.59
C ASN A 52 20.76 4.15 18.55
N LEU A 53 20.86 4.73 17.35
CA LEU A 53 21.61 4.10 16.28
C LEU A 53 23.12 4.14 16.54
N GLY A 54 23.58 5.01 17.44
CA GLY A 54 24.97 5.01 17.88
C GLY A 54 25.41 3.70 18.50
N LEU A 55 24.46 2.92 19.02
CA LEU A 55 24.78 1.59 19.53
C LEU A 55 25.25 0.62 18.44
N PHE A 56 25.01 0.98 17.19
CA PHE A 56 25.44 0.16 16.08
C PHE A 56 26.58 0.75 15.28
N SER A 57 27.17 1.84 15.78
CA SER A 57 28.36 2.42 15.17
C SER A 57 29.52 1.47 15.35
N THR A 58 30.44 1.51 14.40
CA THR A 58 31.61 0.66 14.41
C THR A 58 32.39 0.83 15.71
N LYS A 59 32.54 2.06 16.18
CA LYS A 59 33.25 2.31 17.44
C LYS A 59 32.66 1.49 18.59
N THR A 60 31.33 1.42 18.62
CA THR A 60 30.60 0.70 19.65
C THR A 60 30.78 -0.82 19.52
N LEU A 61 30.78 -1.31 18.29
CA LEU A 61 31.00 -2.71 18.01
C LEU A 61 32.40 -3.11 18.37
N VAL A 62 33.36 -2.23 18.15
CA VAL A 62 34.75 -2.53 18.54
C VAL A 62 34.90 -2.59 20.04
N GLU A 63 34.24 -1.69 20.73
CA GLU A 63 34.30 -1.66 22.19
C GLU A 63 33.74 -2.95 22.79
N ALA A 64 32.62 -3.41 22.26
CA ALA A 64 31.97 -4.63 22.73
C ALA A 64 32.60 -5.95 22.28
N SER A 65 33.15 -6.02 21.07
CA SER A 65 33.58 -7.30 20.47
C SER A 65 34.66 -7.17 19.39
N GLY A 66 35.60 -6.25 19.59
CA GLY A 66 36.61 -5.97 18.57
C GLY A 66 37.45 -7.17 18.18
N GLU A 67 37.66 -8.07 19.14
N GLU A 67 37.69 -8.07 19.13
CA GLU A 67 38.52 -9.24 18.97
CA GLU A 67 38.53 -9.25 18.92
C GLU A 67 37.86 -10.40 18.21
C GLU A 67 37.90 -10.27 17.98
N HIS A 68 36.56 -10.29 17.97
CA HIS A 68 35.81 -11.30 17.28
C HIS A 68 36.11 -11.37 15.78
N THR A 69 36.25 -12.60 15.26
CA THR A 69 36.51 -12.82 13.85
C THR A 69 35.23 -12.87 13.04
N VAL A 70 35.22 -12.10 11.95
CA VAL A 70 34.09 -12.02 11.06
C VAL A 70 34.49 -12.25 9.60
N GLU A 71 33.50 -12.56 8.79
CA GLU A 71 33.67 -12.76 7.35
C GLU A 71 33.80 -11.41 6.65
N VAL A 72 34.73 -11.36 5.70
CA VAL A 72 35.00 -10.19 4.89
C VAL A 72 34.95 -10.62 3.42
N ARG A 73 34.37 -9.79 2.58
N ARG A 73 34.34 -9.80 2.58
CA ARG A 73 34.31 -10.04 1.15
CA ARG A 73 34.28 -10.04 1.14
C ARG A 73 35.13 -8.97 0.43
C ARG A 73 35.12 -8.98 0.43
N THR A 74 35.89 -9.40 -0.58
CA THR A 74 36.76 -8.51 -1.33
C THR A 74 36.23 -8.45 -2.76
N GLN A 75 36.09 -7.24 -3.26
CA GLN A 75 35.33 -6.98 -4.49
C GLN A 75 36.04 -5.86 -5.23
N VAL A 76 36.00 -5.92 -6.56
CA VAL A 76 36.39 -4.79 -7.42
C VAL A 76 35.39 -3.67 -7.19
N GLN A 77 35.87 -2.46 -6.93
CA GLN A 77 34.98 -1.30 -6.87
C GLN A 77 34.52 -0.90 -8.28
N GLN A 78 33.21 -0.89 -8.47
CA GLN A 78 32.60 -0.55 -9.75
C GLN A 78 31.39 0.31 -9.51
N PRO A 79 31.04 1.14 -10.49
CA PRO A 79 29.77 1.85 -10.38
C PRO A 79 28.60 0.84 -10.27
N SER A 80 27.49 1.27 -9.65
CA SER A 80 26.40 0.36 -9.30
C SER A 80 25.69 -0.26 -10.50
N ASP A 81 25.76 0.41 -11.65
CA ASP A 81 25.13 -0.09 -12.86
C ASP A 81 26.15 -0.75 -13.78
N GLU A 82 27.29 -1.16 -13.24
CA GLU A 82 28.29 -1.82 -14.05
C GLU A 82 28.82 -3.08 -13.41
N ASN A 83 29.21 -4.03 -14.26
CA ASN A 83 29.84 -5.27 -13.84
C ASN A 83 30.59 -5.86 -15.03
N TRP A 84 31.88 -5.53 -15.12
CA TRP A 84 32.65 -5.83 -16.31
C TRP A 84 33.28 -7.20 -16.28
N ASP A 85 33.50 -7.76 -17.47
CA ASP A 85 34.20 -9.02 -17.60
C ASP A 85 35.68 -8.81 -17.47
N LEU A 86 36.43 -9.89 -17.59
CA LEU A 86 37.88 -9.87 -17.44
C LEU A 86 38.55 -8.91 -18.42
N THR A 87 38.08 -8.88 -19.66
CA THR A 87 38.69 -8.02 -20.67
C THR A 87 38.27 -6.56 -20.59
N GLY A 88 37.37 -6.22 -19.67
CA GLY A 88 36.81 -4.86 -19.55
C GLY A 88 36.11 -4.36 -20.80
N THR A 89 35.56 -5.29 -21.57
CA THR A 89 34.87 -4.98 -22.81
C THR A 89 33.36 -5.25 -22.82
N ARG A 90 32.83 -5.98 -21.82
CA ARG A 90 31.43 -6.36 -21.82
C ARG A 90 30.91 -6.43 -20.37
N GLN A 91 29.61 -6.19 -20.20
CA GLN A 91 28.95 -6.36 -18.92
C GLN A 91 28.67 -7.82 -18.75
N ILE A 92 28.67 -8.27 -17.50
CA ILE A 92 28.39 -9.64 -17.17
C ILE A 92 27.56 -9.74 -15.90
N TRP A 93 26.99 -10.92 -15.71
CA TRP A 93 26.12 -11.21 -14.58
C TRP A 93 26.89 -11.66 -13.35
N PRO A 94 27.81 -12.61 -13.49
CA PRO A 94 28.49 -13.11 -12.29
C PRO A 94 29.20 -11.99 -11.50
N CYS A 95 29.06 -12.04 -10.18
CA CYS A 95 29.56 -11.00 -9.29
C CYS A 95 30.56 -11.63 -8.31
N GLU A 96 31.84 -11.46 -8.62
CA GLU A 96 32.93 -12.13 -7.93
C GLU A 96 33.29 -11.49 -6.57
N SER A 97 33.36 -12.31 -5.53
CA SER A 97 33.86 -11.87 -4.22
C SER A 97 34.86 -12.91 -3.73
N SER A 98 35.98 -12.51 -3.16
CA SER A 98 36.77 -13.47 -2.40
C SER A 98 36.30 -13.37 -0.96
N ARG A 99 36.31 -14.46 -0.33
CA ARG A 99 35.80 -14.45 1.02
C ARG A 99 36.94 -14.72 1.98
N SER A 100 37.03 -13.95 3.07
CA SER A 100 38.13 -14.12 4.03
C SER A 100 37.70 -13.77 5.45
N HIS A 101 38.61 -13.91 6.43
CA HIS A 101 38.24 -13.60 7.80
C HIS A 101 39.14 -12.48 8.27
N THR A 102 38.60 -11.56 9.07
CA THR A 102 39.39 -10.58 9.81
C THR A 102 38.66 -10.35 11.12
N THR A 103 39.24 -9.57 12.03
CA THR A 103 38.52 -9.21 13.25
C THR A 103 37.68 -7.94 13.01
N ILE A 104 36.69 -7.73 13.85
CA ILE A 104 35.92 -6.48 13.84
C ILE A 104 36.84 -5.27 13.98
N ALA A 105 37.81 -5.33 14.90
CA ALA A 105 38.74 -4.21 15.10
C ALA A 105 39.54 -3.93 13.83
N LYS A 106 40.01 -4.98 13.18
CA LYS A 106 40.79 -4.78 11.95
C LYS A 106 39.94 -4.19 10.85
N TYR A 107 38.72 -4.71 10.68
CA TYR A 107 37.82 -4.12 9.68
C TYR A 107 37.52 -2.65 10.00
N ALA A 108 37.30 -2.34 11.27
CA ALA A 108 37.01 -1.01 11.68
C ALA A 108 38.15 -0.06 11.37
N GLN A 109 39.41 -0.51 11.50
CA GLN A 109 40.54 0.34 11.18
C GLN A 109 40.52 0.66 9.70
N TYR A 110 40.25 -0.34 8.88
CA TYR A 110 40.16 -0.11 7.44
C TYR A 110 39.00 0.83 7.07
N GLN A 111 37.86 0.63 7.69
CA GLN A 111 36.66 1.43 7.42
C GLN A 111 36.92 2.89 7.74
N ALA A 112 37.44 3.13 8.95
CA ALA A 112 37.78 4.49 9.35
C ALA A 112 38.89 5.13 8.53
N SER A 113 39.96 4.40 8.24
CA SER A 113 41.06 4.96 7.47
C SER A 113 40.66 5.35 6.07
N SER A 114 39.91 4.47 5.42
CA SER A 114 39.47 4.74 4.05
C SER A 114 38.56 5.97 4.02
N PHE A 115 37.74 6.12 5.04
CA PHE A 115 36.90 7.30 5.15
C PHE A 115 37.72 8.59 5.32
N GLN A 116 38.70 8.54 6.21
CA GLN A 116 39.62 9.67 6.43
C GLN A 116 40.33 10.08 5.17
N GLU A 117 40.72 9.07 4.41
CA GLU A 117 41.44 9.29 3.16
C GLU A 117 40.60 9.89 2.04
N SER A 118 39.29 9.97 2.24
CA SER A 118 38.37 10.42 1.20
C SER A 118 38.02 11.90 1.29
N LEU A 119 38.63 12.64 2.20
CA LEU A 119 38.08 13.96 2.56
C LEU A 119 38.56 15.17 1.75
N GLN A 120 39.42 14.94 0.76
CA GLN A 120 39.90 16.01 -0.15
C GLN A 120 38.78 16.73 -0.91
N GLU A 121 38.96 18.03 -1.14
CA GLU A 121 38.03 18.80 -1.97
C GLU A 121 38.05 18.30 -3.42
N GLU A 122 36.87 18.23 -4.03
CA GLU A 122 36.73 17.73 -5.41
C GLU A 122 37.53 18.55 -6.43
N HIS A 150 41.96 0.42 -11.71
CA HIS A 150 40.85 -0.06 -10.89
C HIS A 150 41.27 -0.20 -9.43
N HIS A 151 40.29 -0.51 -8.59
CA HIS A 151 40.48 -0.51 -7.15
C HIS A 151 39.64 -1.62 -6.50
N ILE A 152 40.12 -2.22 -5.43
CA ILE A 152 39.30 -3.18 -4.70
C ILE A 152 38.86 -2.61 -3.38
N ILE A 153 37.73 -3.11 -2.90
CA ILE A 153 37.22 -2.74 -1.59
C ILE A 153 36.88 -3.99 -0.77
N LYS A 154 36.75 -3.82 0.54
CA LYS A 154 36.39 -4.91 1.44
C LYS A 154 35.12 -4.55 2.23
N PHE A 155 34.30 -5.57 2.49
CA PHE A 155 32.94 -5.47 3.05
C PHE A 155 32.89 -6.51 4.20
N GLY A 156 32.60 -6.08 5.44
CA GLY A 156 32.40 -7.00 6.55
C GLY A 156 30.97 -7.49 6.57
N THR A 157 30.80 -8.80 6.70
N THR A 157 30.73 -8.80 6.47
CA THR A 157 29.47 -9.36 6.50
CA THR A 157 29.36 -9.33 6.25
C THR A 157 29.02 -10.34 7.56
C THR A 157 29.00 -10.34 7.36
N ASN A 158 27.70 -10.48 7.62
CA ASN A 158 27.10 -11.49 8.48
C ASN A 158 27.59 -11.42 9.90
N ILE A 159 27.75 -10.21 10.42
CA ILE A 159 28.18 -10.02 11.77
C ILE A 159 26.99 -10.29 12.69
N ASP A 160 27.14 -11.31 13.53
CA ASP A 160 26.01 -11.81 14.29
C ASP A 160 25.85 -11.00 15.57
N LEU A 161 24.74 -10.29 15.70
CA LEU A 161 24.43 -9.55 16.94
C LEU A 161 23.39 -10.26 17.81
N SER A 162 23.17 -11.56 17.57
CA SER A 162 22.07 -12.29 18.22
C SER A 162 22.26 -12.64 19.69
N ASP A 163 23.50 -12.68 20.17
CA ASP A 163 23.76 -13.15 21.52
C ASP A 163 23.56 -12.04 22.57
N ALA A 164 22.50 -12.17 23.38
CA ALA A 164 22.19 -11.20 24.48
C ALA A 164 23.29 -11.05 25.56
N LYS A 165 24.18 -12.03 25.61
N LYS A 165 24.18 -12.02 25.61
CA LYS A 165 25.33 -11.98 26.51
CA LYS A 165 25.34 -11.96 26.51
C LYS A 165 26.35 -10.91 26.09
C LYS A 165 26.36 -10.91 26.08
N ARG A 166 26.45 -10.67 24.78
CA ARG A 166 27.39 -9.71 24.20
C ARG A 166 26.70 -8.40 23.77
N TRP A 167 25.44 -8.49 23.36
CA TRP A 167 24.80 -7.43 22.61
C TRP A 167 23.49 -6.97 23.21
N LYS A 168 23.36 -7.07 24.54
CA LYS A 168 22.10 -6.74 25.15
C LYS A 168 21.61 -5.32 24.85
N PRO A 169 22.51 -4.33 24.94
CA PRO A 169 22.01 -2.98 24.71
C PRO A 169 21.50 -2.79 23.30
N GLN A 170 22.19 -3.38 22.32
CA GLN A 170 21.77 -3.29 20.93
C GLN A 170 20.39 -3.96 20.76
N LEU A 171 20.24 -5.18 21.24
CA LEU A 171 18.98 -5.93 21.10
C LEU A 171 17.82 -5.24 21.82
N GLN A 172 18.08 -4.66 22.98
CA GLN A 172 17.07 -3.90 23.69
C GLN A 172 16.57 -2.73 22.87
N GLU A 173 17.46 -2.07 22.13
CA GLU A 173 17.08 -0.95 21.27
C GLU A 173 16.13 -1.44 20.15
N LEU A 174 16.44 -2.62 19.62
CA LEU A 174 15.62 -3.20 18.57
C LEU A 174 14.23 -3.61 19.08
N LEU A 175 14.11 -3.84 20.39
CA LEU A 175 12.81 -4.17 20.99
C LEU A 175 11.84 -2.99 20.98
N LYS A 176 12.33 -1.79 20.67
CA LYS A 176 11.49 -0.61 20.63
C LYS A 176 10.61 -0.52 19.37
N LEU A 177 10.91 -1.29 18.34
CA LEU A 177 10.17 -1.20 17.13
C LEU A 177 8.74 -1.80 17.32
N PRO A 178 7.78 -1.37 16.47
CA PRO A 178 6.45 -1.97 16.42
C PRO A 178 6.58 -3.49 16.24
N ALA A 179 5.68 -4.21 16.86
CA ALA A 179 5.76 -5.69 16.95
C ALA A 179 5.86 -6.37 15.59
N PHE A 180 5.24 -5.79 14.58
CA PHE A 180 5.35 -6.37 13.26
C PHE A 180 6.69 -6.21 12.57
N MET A 181 7.54 -5.29 13.03
CA MET A 181 8.89 -5.12 12.48
C MET A 181 9.96 -5.62 13.45
N ARG A 182 9.52 -6.20 14.55
CA ARG A 182 10.40 -6.49 15.66
C ARG A 182 11.06 -7.87 15.50
N VAL A 183 12.32 -7.96 15.87
CA VAL A 183 13.05 -9.23 15.82
CA VAL A 183 13.02 -9.24 15.78
C VAL A 183 12.32 -10.34 16.60
N THR A 184 11.75 -9.95 17.75
CA THR A 184 11.06 -10.86 18.66
C THR A 184 9.53 -10.89 18.44
N SER A 185 9.07 -10.33 17.31
CA SER A 185 7.66 -10.29 17.00
C SER A 185 6.91 -9.54 18.10
N THR A 186 5.80 -10.10 18.56
CA THR A 186 5.06 -9.48 19.66
C THR A 186 5.68 -9.71 21.05
N GLY A 187 6.73 -10.53 21.15
CA GLY A 187 7.44 -10.71 22.42
C GLY A 187 8.33 -9.51 22.71
N ASN A 188 8.64 -9.29 23.97
CA ASN A 188 9.53 -8.19 24.38
C ASN A 188 10.69 -8.66 25.30
N MET A 189 11.00 -9.95 25.28
CA MET A 189 12.05 -10.52 26.12
CA MET A 189 12.05 -10.51 26.14
C MET A 189 13.20 -11.13 25.34
N LEU A 190 14.38 -11.18 25.95
CA LEU A 190 15.57 -11.76 25.33
C LEU A 190 16.05 -13.01 26.08
N SER A 191 15.33 -13.38 27.14
CA SER A 191 15.68 -14.55 27.94
C SER A 191 14.42 -15.28 28.29
N HIS A 192 14.56 -16.59 28.52
CA HIS A 192 13.45 -17.44 28.95
C HIS A 192 13.98 -18.33 30.06
N VAL A 193 13.44 -18.18 31.26
CA VAL A 193 13.88 -18.96 32.43
C VAL A 193 15.41 -19.05 32.53
N GLY A 194 16.09 -17.95 32.28
CA GLY A 194 17.55 -17.92 32.41
C GLY A 194 18.36 -18.47 31.24
N HIS A 195 17.73 -18.62 30.08
CA HIS A 195 18.43 -18.98 28.85
C HIS A 195 18.10 -17.99 27.75
N THR A 196 19.08 -17.69 26.90
CA THR A 196 18.84 -16.83 25.74
C THR A 196 17.78 -17.46 24.83
N ILE A 197 17.07 -16.63 24.08
CA ILE A 197 16.06 -17.15 23.18
C ILE A 197 16.35 -16.98 21.69
N LEU A 198 17.07 -15.94 21.28
CA LEU A 198 17.39 -15.80 19.86
C LEU A 198 18.40 -16.87 19.39
N GLY A 199 18.13 -17.46 18.24
CA GLY A 199 19.10 -18.33 17.60
C GLY A 199 20.22 -17.56 16.96
N MET A 200 21.29 -18.27 16.63
CA MET A 200 22.38 -17.67 15.92
C MET A 200 21.90 -17.07 14.62
N ASN A 201 22.51 -15.95 14.27
CA ASN A 201 22.27 -15.26 13.04
C ASN A 201 20.85 -14.74 12.83
N THR A 202 20.18 -14.45 13.93
CA THR A 202 18.88 -13.83 13.87
C THR A 202 18.99 -12.35 13.45
N VAL A 203 19.89 -11.62 14.10
CA VAL A 203 20.16 -10.21 13.78
C VAL A 203 21.56 -10.15 13.18
N GLN A 204 21.69 -9.53 11.99
CA GLN A 204 22.93 -9.44 11.22
C GLN A 204 23.32 -7.99 10.99
N LEU A 205 24.61 -7.72 11.08
CA LEU A 205 25.15 -6.37 10.77
C LEU A 205 26.16 -6.49 9.62
N TYR A 206 26.19 -5.44 8.82
CA TYR A 206 27.02 -5.35 7.63
C TYR A 206 27.77 -4.05 7.73
N MET A 207 29.10 -4.15 7.73
CA MET A 207 30.01 -2.99 7.79
C MET A 207 30.58 -2.72 6.40
N LYS A 208 30.32 -1.52 5.89
CA LYS A 208 30.61 -1.21 4.47
C LYS A 208 31.45 0.01 4.24
N VAL A 209 32.04 0.03 3.03
CA VAL A 209 32.67 1.18 2.42
C VAL A 209 32.07 1.28 1.03
N PRO A 210 32.24 2.42 0.35
CA PRO A 210 31.66 2.63 -0.98
C PRO A 210 32.07 1.53 -1.96
N GLY A 211 31.08 0.99 -2.66
CA GLY A 211 31.27 -0.11 -3.58
C GLY A 211 30.86 -1.49 -3.07
N SER A 212 30.69 -1.61 -1.76
CA SER A 212 30.31 -2.86 -1.15
C SER A 212 28.96 -3.32 -1.65
N ARG A 213 28.95 -4.51 -2.25
CA ARG A 213 27.78 -5.07 -2.88
C ARG A 213 27.19 -6.29 -2.21
N THR A 214 25.87 -6.25 -2.10
CA THR A 214 25.07 -7.41 -1.75
C THR A 214 24.39 -7.85 -3.04
N PRO A 215 24.82 -9.01 -3.56
CA PRO A 215 24.37 -9.47 -4.87
C PRO A 215 22.92 -9.96 -4.84
N GLY A 216 22.37 -10.25 -6.00
CA GLY A 216 20.95 -10.41 -6.14
C GLY A 216 20.43 -11.65 -5.43
N HIS A 217 19.31 -11.48 -4.73
CA HIS A 217 18.71 -12.60 -4.00
C HIS A 217 17.28 -12.30 -3.61
N GLN A 218 16.58 -13.36 -3.22
CA GLN A 218 15.32 -13.24 -2.52
C GLN A 218 15.59 -13.63 -1.07
N GLU A 219 14.79 -13.07 -0.18
CA GLU A 219 14.92 -13.35 1.22
C GLU A 219 14.63 -14.81 1.49
N ASN A 220 15.36 -15.40 2.42
CA ASN A 220 15.22 -16.84 2.63
C ASN A 220 13.82 -17.16 3.19
N ASN A 221 13.36 -18.37 2.85
CA ASN A 221 12.12 -18.96 3.37
C ASN A 221 10.83 -18.25 3.05
N ASN A 222 10.89 -17.27 2.14
CA ASN A 222 9.74 -16.47 1.80
C ASN A 222 9.25 -15.68 3.00
N PHE A 223 10.20 -15.26 3.82
CA PHE A 223 9.94 -14.36 4.93
C PHE A 223 10.20 -12.93 4.44
N CYS A 224 9.53 -12.00 5.08
CA CYS A 224 9.86 -10.59 4.98
C CYS A 224 11.08 -10.28 5.84
N SER A 225 11.78 -9.22 5.53
CA SER A 225 12.82 -8.71 6.38
C SER A 225 12.87 -7.19 6.41
N VAL A 226 13.60 -6.67 7.37
CA VAL A 226 13.78 -5.23 7.49
C VAL A 226 15.26 -4.94 7.57
N ASN A 227 15.66 -3.78 7.07
CA ASN A 227 17.05 -3.34 7.03
C ASN A 227 17.12 -1.88 7.42
N ILE A 228 17.93 -1.48 8.40
CA ILE A 228 18.15 -0.09 8.77
C ILE A 228 19.59 0.31 8.49
N ASN A 229 19.76 1.46 7.82
CA ASN A 229 21.05 2.07 7.57
C ASN A 229 21.39 3.00 8.73
N ILE A 230 22.59 2.82 9.30
CA ILE A 230 23.11 3.54 10.47
C ILE A 230 23.83 4.80 9.98
N GLY A 231 24.30 4.81 8.73
CA GLY A 231 25.00 5.96 8.21
C GLY A 231 26.49 5.96 8.55
N PRO A 232 27.21 7.06 8.27
CA PRO A 232 26.72 8.32 7.70
C PRO A 232 26.38 8.27 6.23
N GLY A 233 26.93 7.29 5.54
CA GLY A 233 26.73 7.18 4.09
C GLY A 233 25.39 6.51 3.74
N ASP A 234 25.10 6.51 2.44
CA ASP A 234 23.87 5.93 1.90
C ASP A 234 24.12 4.58 1.23
N CYS A 235 23.03 3.84 1.07
CA CYS A 235 22.97 2.64 0.23
C CYS A 235 22.07 2.81 -0.97
N GLU A 236 22.51 2.33 -2.13
CA GLU A 236 21.69 2.35 -3.32
C GLU A 236 21.10 0.96 -3.52
N TRP A 237 19.79 0.91 -3.68
CA TRP A 237 19.02 -0.35 -3.75
C TRP A 237 18.39 -0.53 -5.11
N PHE A 238 18.24 -1.80 -5.49
CA PHE A 238 17.58 -2.17 -6.70
C PHE A 238 16.63 -3.30 -6.35
N ALA A 239 15.43 -3.28 -6.93
CA ALA A 239 14.44 -4.34 -6.66
C ALA A 239 13.49 -4.62 -7.82
N VAL A 240 13.09 -5.88 -7.90
CA VAL A 240 12.19 -6.36 -8.91
C VAL A 240 11.12 -7.25 -8.22
N HIS A 241 9.88 -7.11 -8.67
CA HIS A 241 8.76 -7.90 -8.15
C HIS A 241 8.97 -9.40 -8.35
N GLU A 242 8.57 -10.17 -7.34
CA GLU A 242 8.71 -11.63 -7.40
C GLU A 242 8.26 -12.21 -8.74
N HIS A 243 7.16 -11.68 -9.27
CA HIS A 243 6.59 -12.18 -10.53
C HIS A 243 7.63 -12.45 -11.62
N TYR A 244 8.75 -11.72 -11.59
CA TYR A 244 9.75 -11.84 -12.63
C TYR A 244 10.92 -12.77 -12.30
N TRP A 245 10.88 -13.44 -11.16
CA TRP A 245 12.07 -14.16 -10.71
C TRP A 245 12.57 -15.21 -11.71
N GLU A 246 11.66 -15.89 -12.39
CA GLU A 246 12.03 -16.96 -13.30
C GLU A 246 12.79 -16.45 -14.52
N THR A 247 12.44 -15.25 -14.99
CA THR A 247 13.20 -14.59 -16.06
C THR A 247 14.62 -14.21 -15.60
N ILE A 248 14.75 -13.76 -14.35
N ILE A 248 14.76 -13.77 -14.36
CA ILE A 248 16.05 -13.46 -13.77
CA ILE A 248 16.07 -13.45 -13.79
C ILE A 248 16.89 -14.74 -13.69
C ILE A 248 16.91 -14.73 -13.66
N SER A 249 16.29 -15.81 -13.19
CA SER A 249 16.95 -17.11 -13.09
C SER A 249 17.44 -17.59 -14.45
N ALA A 250 16.63 -17.38 -15.48
CA ALA A 250 17.01 -17.74 -16.85
C ALA A 250 18.25 -16.98 -17.31
N PHE A 251 18.34 -15.69 -16.95
CA PHE A 251 19.52 -14.90 -17.26
C PHE A 251 20.74 -15.45 -16.56
N CYS A 252 20.57 -15.83 -15.30
CA CYS A 252 21.65 -16.47 -14.56
C CYS A 252 22.11 -17.74 -15.26
N ASP A 253 21.16 -18.53 -15.76
CA ASP A 253 21.46 -19.77 -16.51
C ASP A 253 22.30 -19.48 -17.75
N ARG A 254 21.86 -18.52 -18.56
CA ARG A 254 22.59 -18.14 -19.77
C ARG A 254 24.00 -17.65 -19.45
N HIS A 255 24.20 -17.04 -18.28
CA HIS A 255 25.53 -16.53 -17.91
C HIS A 255 26.34 -17.50 -17.02
N GLY A 256 25.82 -18.69 -16.82
CA GLY A 256 26.54 -19.75 -16.15
C GLY A 256 26.73 -19.56 -14.67
N VAL A 257 25.75 -18.92 -14.02
CA VAL A 257 25.82 -18.74 -12.56
C VAL A 257 24.53 -19.24 -11.94
N ASP A 258 24.64 -19.85 -10.78
CA ASP A 258 23.47 -20.42 -10.15
C ASP A 258 22.62 -19.29 -9.59
N TYR A 259 21.34 -19.31 -9.90
CA TYR A 259 20.43 -18.27 -9.41
C TYR A 259 20.35 -18.29 -7.90
N LEU A 260 20.07 -19.45 -7.38
CA LEU A 260 19.75 -19.59 -5.98
C LEU A 260 20.97 -19.47 -5.07
N THR A 261 22.07 -20.11 -5.46
CA THR A 261 23.28 -20.19 -4.63
C THR A 261 24.44 -19.32 -5.09
N GLY A 262 24.43 -18.89 -6.35
CA GLY A 262 25.55 -18.14 -6.90
C GLY A 262 25.48 -16.64 -6.61
N SER A 263 26.57 -15.95 -6.93
N SER A 263 26.55 -15.95 -6.99
CA SER A 263 26.66 -14.51 -6.75
CA SER A 263 26.71 -14.51 -6.74
C SER A 263 26.51 -13.83 -8.10
C SER A 263 26.60 -13.72 -8.05
N TRP A 264 25.56 -12.91 -8.18
CA TRP A 264 25.27 -12.22 -9.42
C TRP A 264 24.68 -10.82 -9.23
N TRP A 265 24.90 -10.03 -10.28
CA TRP A 265 24.58 -8.61 -10.32
C TRP A 265 23.88 -8.36 -11.66
N PRO A 266 22.56 -8.14 -11.63
CA PRO A 266 21.85 -7.98 -12.93
C PRO A 266 22.40 -6.88 -13.82
N ILE A 267 22.46 -7.15 -15.12
CA ILE A 267 22.68 -6.11 -16.11
C ILE A 267 21.35 -5.39 -16.33
N LEU A 268 21.27 -4.11 -16.00
CA LEU A 268 20.00 -3.41 -16.08
C LEU A 268 19.42 -3.43 -17.50
N ASP A 269 20.25 -3.19 -18.50
CA ASP A 269 19.76 -3.23 -19.88
C ASP A 269 19.05 -4.55 -20.22
N ASP A 270 19.55 -5.68 -19.71
CA ASP A 270 18.89 -6.94 -19.98
C ASP A 270 17.50 -6.93 -19.38
N LEU A 271 17.36 -6.44 -18.14
CA LEU A 271 16.05 -6.40 -17.51
C LEU A 271 15.05 -5.50 -18.28
N TYR A 272 15.50 -4.30 -18.60
CA TYR A 272 14.69 -3.35 -19.37
C TYR A 272 14.28 -3.90 -20.73
N ALA A 273 15.22 -4.52 -21.42
CA ALA A 273 14.95 -5.11 -22.75
C ALA A 273 13.92 -6.24 -22.66
N SER A 274 13.76 -6.82 -21.47
CA SER A 274 12.71 -7.81 -21.19
C SER A 274 11.47 -7.20 -20.54
N ASN A 275 11.37 -5.88 -20.54
CA ASN A 275 10.20 -5.19 -20.02
C ASN A 275 9.96 -5.48 -18.52
N ILE A 276 11.05 -5.57 -17.76
CA ILE A 276 10.96 -5.78 -16.31
C ILE A 276 11.19 -4.45 -15.58
N PRO A 277 10.20 -3.99 -14.81
CA PRO A 277 10.41 -2.75 -14.06
C PRO A 277 11.42 -2.96 -12.95
N VAL A 278 12.31 -1.98 -12.77
CA VAL A 278 13.28 -2.05 -11.69
C VAL A 278 13.05 -0.85 -10.78
N TYR A 279 12.83 -1.12 -9.50
CA TYR A 279 12.77 -0.08 -8.49
C TYR A 279 14.20 0.32 -8.08
N ARG A 280 14.51 1.59 -8.16
CA ARG A 280 15.85 2.08 -7.80
C ARG A 280 15.67 3.23 -6.81
N PHE A 281 16.32 3.12 -5.65
CA PHE A 281 16.19 4.13 -4.63
C PHE A 281 17.39 4.19 -3.73
N VAL A 282 17.45 5.25 -2.93
CA VAL A 282 18.53 5.43 -1.97
C VAL A 282 17.98 5.31 -0.56
N GLN A 283 18.68 4.53 0.28
CA GLN A 283 18.40 4.37 1.71
C GLN A 283 19.41 5.21 2.48
N ARG A 284 18.92 6.28 3.11
CA ARG A 284 19.72 7.24 3.85
C ARG A 284 19.77 6.80 5.34
N PRO A 285 20.66 7.41 6.14
CA PRO A 285 20.83 7.04 7.53
C PRO A 285 19.53 7.18 8.24
N GLY A 286 19.15 6.13 8.96
CA GLY A 286 17.90 6.09 9.70
C GLY A 286 16.73 5.50 8.91
N ASP A 287 16.85 5.36 7.59
CA ASP A 287 15.74 4.81 6.82
C ASP A 287 15.65 3.31 7.02
N LEU A 288 14.45 2.82 7.23
CA LEU A 288 14.18 1.39 7.26
C LEU A 288 13.57 0.95 5.95
N VAL A 289 14.10 -0.17 5.42
CA VAL A 289 13.54 -0.79 4.24
C VAL A 289 12.82 -2.08 4.65
N TRP A 290 11.51 -2.17 4.34
CA TRP A 290 10.72 -3.41 4.45
C TRP A 290 10.86 -4.11 3.12
N ILE A 291 11.28 -5.36 3.18
CA ILE A 291 11.45 -6.21 1.99
C ILE A 291 10.42 -7.31 2.02
N ASN A 292 9.51 -7.32 1.05
CA ASN A 292 8.50 -8.36 0.96
C ASN A 292 9.08 -9.69 0.48
N ALA A 293 8.33 -10.74 0.77
CA ALA A 293 8.75 -12.09 0.44
C ALA A 293 8.84 -12.16 -1.09
N GLY A 294 9.91 -12.77 -1.60
CA GLY A 294 10.06 -13.03 -3.03
C GLY A 294 10.66 -11.91 -3.87
N THR A 295 10.71 -10.71 -3.31
CA THR A 295 11.32 -9.59 -4.02
C THR A 295 12.79 -9.89 -4.32
N VAL A 296 13.18 -9.81 -5.59
CA VAL A 296 14.57 -9.98 -5.97
C VAL A 296 15.23 -8.62 -5.80
N HIS A 297 16.31 -8.57 -5.02
CA HIS A 297 16.94 -7.28 -4.78
C HIS A 297 18.43 -7.39 -4.62
N TRP A 298 19.09 -6.25 -4.85
CA TRP A 298 20.52 -6.15 -4.73
C TRP A 298 20.84 -4.71 -4.32
N VAL A 299 21.99 -4.53 -3.68
CA VAL A 299 22.33 -3.32 -2.99
C VAL A 299 23.83 -2.99 -3.09
N GLN A 300 24.17 -1.71 -3.19
CA GLN A 300 25.56 -1.22 -3.17
C GLN A 300 25.66 -0.01 -2.23
N ALA A 301 26.59 -0.08 -1.29
CA ALA A 301 26.90 1.13 -0.52
C ALA A 301 27.50 2.17 -1.44
N THR A 302 27.06 3.40 -1.32
CA THR A 302 27.69 4.50 -2.03
C THR A 302 28.50 5.35 -1.06
N GLY A 303 28.30 5.17 0.24
CA GLY A 303 29.10 5.81 1.27
C GLY A 303 29.66 4.83 2.27
N TRP A 304 30.15 5.34 3.39
CA TRP A 304 30.65 4.56 4.51
C TRP A 304 29.45 4.39 5.48
N CYS A 305 29.07 3.17 5.76
CA CYS A 305 27.91 2.94 6.60
C CYS A 305 27.90 1.52 7.15
N ASN A 306 27.11 1.30 8.21
CA ASN A 306 26.69 -0.05 8.63
C ASN A 306 25.18 -0.20 8.41
N ASN A 307 24.74 -1.42 8.11
CA ASN A 307 23.33 -1.76 8.01
C ASN A 307 23.06 -2.91 8.97
N ILE A 308 21.90 -2.87 9.61
N ILE A 308 21.88 -2.90 9.54
CA ILE A 308 21.42 -3.99 10.40
CA ILE A 308 21.43 -3.97 10.39
C ILE A 308 20.12 -4.54 9.81
C ILE A 308 20.13 -4.54 9.81
N ALA A 309 19.97 -5.86 9.89
CA ALA A 309 18.85 -6.54 9.23
C ALA A 309 18.42 -7.80 9.98
N TRP A 310 17.15 -8.13 9.87
CA TRP A 310 16.62 -9.35 10.47
C TRP A 310 15.33 -9.69 9.74
N ASN A 311 14.91 -10.94 9.83
CA ASN A 311 13.65 -11.38 9.22
CA ASN A 311 13.63 -11.32 9.22
C ASN A 311 12.47 -11.07 10.17
N VAL A 312 11.28 -10.87 9.61
CA VAL A 312 10.08 -10.58 10.42
C VAL A 312 8.90 -11.54 10.05
N GLY A 313 9.25 -12.72 9.55
CA GLY A 313 8.28 -13.79 9.30
C GLY A 313 7.43 -13.64 8.03
N PRO A 314 6.47 -14.57 7.85
CA PRO A 314 5.82 -14.71 6.57
C PRO A 314 4.61 -13.79 6.46
N LEU A 315 4.83 -12.48 6.45
CA LEU A 315 3.75 -11.53 6.58
C LEU A 315 3.23 -10.98 5.24
N THR A 316 3.89 -11.31 4.12
CA THR A 316 3.50 -10.71 2.87
C THR A 316 2.08 -11.14 2.54
N ALA A 317 1.24 -10.15 2.17
CA ALA A 317 -0.15 -10.41 1.82
C ALA A 317 -1.01 -11.05 2.92
N TYR A 318 -0.57 -10.93 4.18
CA TYR A 318 -1.34 -11.52 5.28
C TYR A 318 -2.78 -10.95 5.29
N GLN A 319 -2.95 -9.70 4.86
CA GLN A 319 -4.29 -9.06 4.87
C GLN A 319 -5.32 -9.79 4.03
N TYR A 320 -4.87 -10.57 3.05
CA TYR A 320 -5.79 -11.40 2.26
C TYR A 320 -6.59 -12.37 3.15
N GLN A 321 -6.06 -12.67 4.33
CA GLN A 321 -6.78 -13.48 5.35
C GLN A 321 -8.09 -12.84 5.84
N LEU A 322 -8.18 -11.52 5.75
CA LEU A 322 -9.28 -10.76 6.33
C LEU A 322 -10.47 -10.61 5.37
N ALA A 323 -10.27 -10.92 4.09
CA ALA A 323 -11.26 -10.65 3.03
C ALA A 323 -12.33 -11.73 3.03
N ARG B 5 -6.39 -13.94 -17.20
CA ARG B 5 -7.63 -13.97 -16.40
C ARG B 5 -7.38 -13.42 -15.02
N GLU B 6 -6.31 -13.88 -14.37
CA GLU B 6 -5.95 -13.45 -13.01
C GLU B 6 -5.61 -11.95 -12.94
N LYS B 7 -4.99 -11.42 -13.98
CA LYS B 7 -4.71 -9.99 -14.07
C LYS B 7 -5.97 -9.14 -14.27
N LEU B 8 -7.01 -9.72 -14.86
CA LEU B 8 -8.23 -8.97 -15.17
C LEU B 8 -9.19 -8.89 -13.96
N ASN B 9 -8.90 -9.67 -12.91
CA ASN B 9 -9.67 -9.66 -11.67
CA ASN B 9 -9.69 -9.64 -11.67
C ASN B 9 -8.81 -9.27 -10.47
N PRO B 10 -8.25 -8.06 -10.50
CA PRO B 10 -7.33 -7.71 -9.43
C PRO B 10 -8.03 -7.71 -8.07
N PRO B 11 -7.30 -8.01 -7.00
CA PRO B 11 -7.90 -7.83 -5.69
C PRO B 11 -8.17 -6.35 -5.37
N THR B 12 -9.13 -6.13 -4.49
CA THR B 12 -9.56 -4.78 -4.16
C THR B 12 -8.64 -4.14 -3.13
N PRO B 13 -8.03 -2.96 -3.42
CA PRO B 13 -7.24 -2.33 -2.35
C PRO B 13 -8.12 -2.04 -1.14
N SER B 14 -7.67 -2.45 0.04
CA SER B 14 -8.47 -2.36 1.25
C SER B 14 -7.60 -2.05 2.47
N ILE B 15 -8.17 -1.37 3.46
CA ILE B 15 -7.47 -1.17 4.70
C ILE B 15 -8.47 -1.48 5.82
N TYR B 16 -8.05 -2.34 6.74
CA TYR B 16 -8.85 -2.77 7.86
C TYR B 16 -8.39 -1.96 9.07
N LEU B 17 -9.30 -1.19 9.63
CA LEU B 17 -9.00 -0.36 10.78
C LEU B 17 -9.33 -1.07 12.07
N GLU B 18 -8.58 -0.75 13.12
CA GLU B 18 -8.79 -1.30 14.49
C GLU B 18 -8.97 -0.29 15.60
N SER B 19 -8.75 0.99 15.32
CA SER B 19 -8.80 2.03 16.33
C SER B 19 -9.03 3.39 15.67
N LYS B 20 -9.35 4.37 16.51
CA LYS B 20 -9.55 5.74 16.04
C LYS B 20 -8.34 6.28 15.32
N ARG B 21 -7.15 6.14 15.91
CA ARG B 21 -5.94 6.72 15.29
C ARG B 21 -5.66 6.08 13.93
N ASP B 22 -6.06 4.82 13.74
CA ASP B 22 -5.95 4.23 12.40
C ASP B 22 -6.71 5.03 11.35
N ALA B 23 -7.91 5.48 11.69
CA ALA B 23 -8.75 6.21 10.73
C ALA B 23 -8.14 7.56 10.38
N PHE B 24 -7.40 8.12 11.34
CA PHE B 24 -6.77 9.46 11.21
C PHE B 24 -5.35 9.42 10.64
N SER B 25 -4.83 8.23 10.35
CA SER B 25 -3.43 8.06 9.98
C SER B 25 -3.11 8.68 8.64
N PRO B 26 -2.02 9.49 8.58
CA PRO B 26 -1.56 9.98 7.31
C PRO B 26 -1.25 8.90 6.31
N VAL B 27 -0.88 7.72 6.80
CA VAL B 27 -0.63 6.59 5.91
C VAL B 27 -1.93 6.15 5.20
N LEU B 28 -3.07 6.23 5.88
CA LEU B 28 -4.36 5.98 5.23
C LEU B 28 -4.64 6.97 4.11
N LEU B 29 -4.42 8.27 4.36
CA LEU B 29 -4.64 9.25 3.33
C LEU B 29 -3.75 8.90 2.10
N GLN B 30 -2.48 8.58 2.37
CA GLN B 30 -1.53 8.30 1.29
C GLN B 30 -1.99 7.11 0.48
N PHE B 31 -2.45 6.07 1.17
CA PHE B 31 -2.92 4.88 0.46
C PHE B 31 -4.15 5.23 -0.45
N CYS B 32 -5.11 5.97 0.11
CA CYS B 32 -6.36 6.32 -0.60
C CYS B 32 -6.06 7.15 -1.85
N THR B 33 -5.05 8.03 -1.77
CA THR B 33 -4.69 8.85 -2.90
C THR B 33 -3.60 8.29 -3.81
N ASP B 34 -2.98 7.17 -3.46
CA ASP B 34 -1.98 6.57 -4.37
C ASP B 34 -2.64 6.25 -5.71
N PRO B 35 -2.03 6.70 -6.81
CA PRO B 35 -2.68 6.44 -8.11
C PRO B 35 -2.77 4.96 -8.49
N ARG B 36 -1.98 4.10 -7.85
CA ARG B 36 -2.12 2.65 -8.01
C ARG B 36 -3.39 2.06 -7.40
N ASN B 37 -4.09 2.84 -6.58
CA ASN B 37 -5.33 2.41 -5.97
C ASN B 37 -6.52 3.17 -6.55
N PRO B 38 -7.18 2.60 -7.58
CA PRO B 38 -8.31 3.32 -8.16
C PRO B 38 -9.43 3.49 -7.16
N ILE B 39 -9.54 2.54 -6.24
CA ILE B 39 -10.49 2.62 -5.14
C ILE B 39 -9.83 1.99 -3.92
N THR B 40 -10.27 2.39 -2.74
CA THR B 40 -9.81 1.80 -1.52
C THR B 40 -11.07 1.57 -0.69
N VAL B 41 -11.25 0.34 -0.19
CA VAL B 41 -12.33 0.08 0.73
C VAL B 41 -11.77 0.11 2.14
N ILE B 42 -12.33 1.01 2.92
CA ILE B 42 -11.90 1.21 4.32
C ILE B 42 -12.88 0.48 5.22
N ARG B 43 -12.41 -0.64 5.77
CA ARG B 43 -13.27 -1.55 6.53
C ARG B 43 -13.20 -1.21 8.02
N GLY B 44 -14.35 -1.19 8.67
CA GLY B 44 -14.40 -0.90 10.10
C GLY B 44 -14.38 0.59 10.41
N LEU B 45 -14.56 1.42 9.38
CA LEU B 45 -14.49 2.89 9.54
C LEU B 45 -15.53 3.37 10.55
N ALA B 46 -16.81 3.08 10.30
CA ALA B 46 -17.86 3.50 11.24
C ALA B 46 -17.58 2.97 12.65
N GLY B 47 -17.17 1.72 12.77
CA GLY B 47 -16.81 1.16 14.11
C GLY B 47 -15.61 1.76 14.79
N SER B 48 -14.56 2.11 14.03
CA SER B 48 -13.35 2.71 14.63
C SER B 48 -13.58 4.12 15.20
N LEU B 49 -14.54 4.84 14.64
CA LEU B 49 -14.89 6.19 15.10
C LEU B 49 -16.17 6.25 15.93
N ARG B 50 -16.79 5.10 16.12
CA ARG B 50 -18.06 5.01 16.80
C ARG B 50 -19.11 5.87 16.15
N LEU B 51 -19.20 5.80 14.85
CA LEU B 51 -20.21 6.52 14.14
C LEU B 51 -21.55 5.91 14.44
N ASN B 52 -22.53 6.77 14.65
CA ASN B 52 -23.89 6.33 14.83
C ASN B 52 -24.57 6.32 13.46
N LEU B 53 -24.37 5.24 12.72
CA LEU B 53 -24.94 5.13 11.38
C LEU B 53 -26.46 4.99 11.38
N GLY B 54 -27.04 4.59 12.52
CA GLY B 54 -28.49 4.61 12.71
C GLY B 54 -29.15 5.96 12.48
N LEU B 55 -28.38 7.05 12.58
CA LEU B 55 -28.87 8.39 12.23
C LEU B 55 -29.28 8.49 10.76
N PHE B 56 -28.76 7.60 9.92
CA PHE B 56 -29.10 7.56 8.47
C PHE B 56 -30.03 6.39 8.09
N SER B 57 -30.57 5.71 9.08
CA SER B 57 -31.55 4.68 8.82
C SER B 57 -32.83 5.32 8.29
N THR B 58 -33.57 4.56 7.50
CA THR B 58 -34.82 5.07 6.95
C THR B 58 -35.80 5.50 8.06
N LYS B 59 -35.88 4.68 9.09
CA LYS B 59 -36.73 4.96 10.26
C LYS B 59 -36.43 6.38 10.77
N THR B 60 -35.16 6.67 11.03
CA THR B 60 -34.73 7.97 11.53
C THR B 60 -34.96 9.13 10.55
N LEU B 61 -34.64 8.90 9.28
CA LEU B 61 -34.86 9.93 8.27
C LEU B 61 -36.33 10.29 8.14
N VAL B 62 -37.20 9.28 8.20
CA VAL B 62 -38.64 9.53 8.10
C VAL B 62 -39.13 10.39 9.28
N GLU B 63 -38.73 10.04 10.49
CA GLU B 63 -39.10 10.81 11.68
C GLU B 63 -38.58 12.23 11.60
N ALA B 64 -37.41 12.38 10.99
CA ALA B 64 -36.76 13.67 10.86
C ALA B 64 -37.46 14.59 9.87
N SER B 65 -37.74 14.09 8.68
CA SER B 65 -38.35 14.91 7.64
C SER B 65 -39.08 14.06 6.60
N GLY B 66 -40.22 13.50 7.01
CA GLY B 66 -41.06 12.65 6.15
C GLY B 66 -41.39 13.20 4.77
N GLU B 67 -41.54 14.52 4.67
CA GLU B 67 -41.98 15.17 3.42
C GLU B 67 -40.85 15.74 2.54
N HIS B 68 -39.60 15.46 2.91
CA HIS B 68 -38.46 15.94 2.12
C HIS B 68 -38.46 15.27 0.73
N THR B 69 -37.98 16.01 -0.28
CA THR B 69 -38.05 15.57 -1.67
C THR B 69 -37.03 14.49 -2.01
N VAL B 70 -37.46 13.55 -2.85
CA VAL B 70 -36.64 12.45 -3.30
C VAL B 70 -36.81 12.28 -4.80
N GLU B 71 -35.72 12.42 -5.55
CA GLU B 71 -35.69 12.06 -6.96
C GLU B 71 -35.67 10.53 -7.01
N VAL B 72 -36.70 9.95 -7.62
CA VAL B 72 -36.79 8.51 -7.74
C VAL B 72 -36.39 8.12 -9.15
N ARG B 73 -35.53 7.11 -9.27
CA ARG B 73 -35.20 6.57 -10.57
C ARG B 73 -35.87 5.22 -10.71
N THR B 74 -36.61 5.01 -11.78
CA THR B 74 -37.27 3.71 -12.02
C THR B 74 -36.48 3.00 -13.10
N GLN B 75 -36.19 1.73 -12.83
CA GLN B 75 -35.22 0.96 -13.58
C GLN B 75 -35.74 -0.46 -13.69
N VAL B 76 -35.41 -1.14 -14.79
CA VAL B 76 -35.68 -2.56 -14.88
C VAL B 76 -34.68 -3.30 -14.01
N GLN B 77 -35.17 -4.26 -13.23
CA GLN B 77 -34.29 -5.06 -12.40
C GLN B 77 -33.51 -6.04 -13.25
N GLN B 78 -32.22 -6.20 -12.91
CA GLN B 78 -31.43 -7.30 -13.43
C GLN B 78 -30.24 -7.67 -12.58
N PRO B 79 -29.65 -8.83 -12.88
CA PRO B 79 -28.43 -9.25 -12.18
C PRO B 79 -27.30 -8.27 -12.42
N SER B 80 -26.58 -7.95 -11.35
CA SER B 80 -25.62 -6.86 -11.33
C SER B 80 -24.58 -7.00 -12.43
N ASP B 81 -24.51 -8.21 -13.00
CA ASP B 81 -23.56 -8.47 -14.05
C ASP B 81 -24.23 -8.46 -15.41
N GLU B 82 -25.41 -7.87 -15.52
CA GLU B 82 -26.03 -7.85 -16.78
C GLU B 82 -26.72 -6.53 -17.06
N ASN B 83 -26.80 -6.17 -18.33
CA ASN B 83 -27.72 -5.15 -18.79
C ASN B 83 -28.19 -5.55 -20.18
N TRP B 84 -29.42 -6.05 -20.27
CA TRP B 84 -29.95 -6.63 -21.50
C TRP B 84 -30.81 -5.70 -22.31
N ASP B 85 -30.83 -5.91 -23.62
CA ASP B 85 -31.76 -5.20 -24.49
C ASP B 85 -33.19 -5.68 -24.24
N LEU B 86 -34.17 -5.04 -24.87
CA LEU B 86 -35.59 -5.33 -24.62
C LEU B 86 -36.01 -6.77 -24.99
N THR B 87 -35.29 -7.39 -25.92
CA THR B 87 -35.56 -8.78 -26.35
C THR B 87 -35.01 -9.81 -25.36
N GLY B 88 -34.09 -9.37 -24.51
CA GLY B 88 -33.44 -10.23 -23.51
C GLY B 88 -32.50 -11.25 -24.10
N THR B 89 -31.91 -10.93 -25.26
CA THR B 89 -30.96 -11.80 -25.97
C THR B 89 -29.59 -11.15 -26.25
N ARG B 90 -29.39 -9.90 -25.82
CA ARG B 90 -28.11 -9.22 -26.05
C ARG B 90 -27.84 -8.21 -24.97
N GLN B 91 -26.59 -8.19 -24.50
CA GLN B 91 -26.16 -7.24 -23.50
CA GLN B 91 -26.14 -7.24 -23.51
C GLN B 91 -25.89 -5.90 -24.20
N ILE B 92 -26.25 -4.80 -23.55
CA ILE B 92 -26.05 -3.46 -24.11
C ILE B 92 -25.47 -2.47 -23.09
N TRP B 93 -24.99 -1.34 -23.58
CA TRP B 93 -24.40 -0.28 -22.75
C TRP B 93 -25.41 0.74 -22.19
N PRO B 94 -26.30 1.25 -23.01
CA PRO B 94 -27.28 2.22 -22.50
C PRO B 94 -28.10 1.63 -21.33
N CYS B 95 -28.26 2.42 -20.29
CA CYS B 95 -28.84 2.01 -19.02
C CYS B 95 -30.05 2.89 -18.79
N GLU B 96 -31.23 2.28 -18.88
CA GLU B 96 -32.49 3.00 -18.92
C GLU B 96 -32.96 3.42 -17.53
N SER B 97 -33.46 4.65 -17.42
CA SER B 97 -34.09 5.15 -16.17
C SER B 97 -35.25 6.14 -16.41
N SER B 98 -36.28 6.04 -15.58
CA SER B 98 -37.36 7.01 -15.58
C SER B 98 -37.25 7.87 -14.32
N ARG B 99 -37.56 9.15 -14.45
CA ARG B 99 -37.55 10.08 -13.33
C ARG B 99 -38.94 10.28 -12.73
N SER B 100 -39.00 10.28 -11.40
CA SER B 100 -40.20 10.48 -10.65
C SER B 100 -39.77 11.25 -9.42
N HIS B 101 -40.73 11.85 -8.73
CA HIS B 101 -40.44 12.46 -7.45
C HIS B 101 -41.46 12.04 -6.44
N THR B 102 -41.03 12.00 -5.20
CA THR B 102 -41.89 11.63 -4.14
C THR B 102 -41.30 12.10 -2.82
N THR B 103 -41.75 11.55 -1.72
CA THR B 103 -41.23 11.93 -0.43
C THR B 103 -40.46 10.78 0.20
N ILE B 104 -39.76 11.09 1.29
CA ILE B 104 -39.00 10.11 2.05
C ILE B 104 -39.94 9.14 2.75
N ALA B 105 -41.03 9.66 3.32
CA ALA B 105 -42.01 8.80 3.97
C ALA B 105 -42.58 7.81 2.97
N LYS B 106 -42.85 8.29 1.77
CA LYS B 106 -43.41 7.45 0.71
C LYS B 106 -42.41 6.45 0.16
N TYR B 107 -41.17 6.87 -0.06
CA TYR B 107 -40.17 5.94 -0.52
C TYR B 107 -39.92 4.90 0.56
N ALA B 108 -39.93 5.34 1.83
CA ALA B 108 -39.72 4.44 2.96
C ALA B 108 -40.72 3.30 2.98
N GLN B 109 -42.01 3.63 2.80
CA GLN B 109 -43.09 2.65 2.65
C GLN B 109 -42.77 1.60 1.56
N TYR B 110 -42.39 2.09 0.39
CA TYR B 110 -42.02 1.20 -0.72
C TYR B 110 -40.81 0.34 -0.36
N GLN B 111 -39.77 0.95 0.20
CA GLN B 111 -38.57 0.21 0.57
C GLN B 111 -38.90 -0.89 1.57
N ALA B 112 -39.75 -0.58 2.55
CA ALA B 112 -40.21 -1.55 3.54
C ALA B 112 -41.14 -2.62 2.97
N SER B 113 -42.08 -2.21 2.11
CA SER B 113 -43.00 -3.16 1.46
C SER B 113 -42.25 -4.13 0.57
N SER B 114 -41.28 -3.59 -0.16
CA SER B 114 -40.41 -4.36 -1.04
C SER B 114 -39.74 -5.48 -0.26
N PHE B 115 -39.25 -5.16 0.94
CA PHE B 115 -38.62 -6.16 1.81
C PHE B 115 -39.62 -7.24 2.26
N GLN B 116 -40.78 -6.84 2.75
CA GLN B 116 -41.80 -7.83 3.18
C GLN B 116 -42.29 -8.73 2.04
N GLU B 117 -42.44 -8.14 0.86
CA GLU B 117 -42.89 -8.88 -0.33
C GLU B 117 -41.83 -9.89 -0.75
N SER B 118 -40.56 -9.52 -0.62
CA SER B 118 -39.46 -10.45 -0.87
C SER B 118 -39.49 -11.66 0.08
N LEU B 119 -39.88 -11.43 1.33
CA LEU B 119 -39.95 -12.49 2.31
C LEU B 119 -40.99 -13.50 1.86
N GLN B 120 -42.08 -13.02 1.27
CA GLN B 120 -43.00 -13.92 0.56
C GLN B 120 -42.74 -13.87 -0.95
N HIS B 150 -37.87 -8.66 -15.92
CA HIS B 150 -39.28 -8.46 -16.20
C HIS B 150 -39.95 -7.46 -15.24
N HIS B 151 -39.21 -7.03 -14.21
CA HIS B 151 -39.73 -6.20 -13.12
C HIS B 151 -38.97 -4.88 -13.06
N ILE B 152 -39.63 -3.84 -12.55
CA ILE B 152 -38.98 -2.57 -12.27
C ILE B 152 -38.76 -2.45 -10.76
N ILE B 153 -37.72 -1.71 -10.41
CA ILE B 153 -37.48 -1.33 -9.03
C ILE B 153 -37.38 0.18 -9.02
N LYS B 154 -37.49 0.77 -7.83
CA LYS B 154 -37.39 2.21 -7.66
C LYS B 154 -36.29 2.54 -6.67
N PHE B 155 -35.43 3.49 -7.06
CA PHE B 155 -34.21 3.90 -6.36
C PHE B 155 -34.37 5.37 -5.96
N GLY B 156 -34.42 5.64 -4.65
CA GLY B 156 -34.43 7.01 -4.14
C GLY B 156 -33.02 7.60 -4.17
N THR B 157 -32.79 8.61 -4.99
CA THR B 157 -31.44 9.04 -5.34
C THR B 157 -31.26 10.55 -5.20
N ASN B 158 -29.99 10.97 -5.21
CA ASN B 158 -29.61 12.39 -5.12
C ASN B 158 -30.37 13.16 -4.04
N ILE B 159 -30.59 12.53 -2.91
CA ILE B 159 -31.32 13.19 -1.83
C ILE B 159 -30.39 14.16 -1.12
N ASP B 160 -30.74 15.43 -1.23
CA ASP B 160 -29.86 16.51 -0.83
C ASP B 160 -29.90 16.65 0.70
N LEU B 161 -28.77 16.41 1.38
CA LEU B 161 -28.70 16.70 2.82
C LEU B 161 -27.95 18.00 3.10
N SER B 162 -28.13 19.00 2.24
CA SER B 162 -27.48 20.31 2.42
C SER B 162 -28.13 21.20 3.48
N ASP B 163 -29.42 20.98 3.75
CA ASP B 163 -30.14 21.77 4.75
C ASP B 163 -29.64 21.48 6.17
N ALA B 164 -28.74 22.32 6.65
CA ALA B 164 -28.05 22.12 7.93
C ALA B 164 -28.97 22.17 9.16
N LYS B 165 -30.17 22.72 9.00
CA LYS B 165 -31.18 22.72 10.07
C LYS B 165 -31.88 21.38 10.17
N ARG B 166 -32.50 20.99 9.06
CA ARG B 166 -33.25 19.76 8.93
C ARG B 166 -32.40 18.50 9.25
N TRP B 167 -31.13 18.54 8.85
CA TRP B 167 -30.26 17.37 8.92
C TRP B 167 -29.10 17.49 9.92
N LYS B 168 -29.26 18.35 10.92
CA LYS B 168 -28.18 18.71 11.83
C LYS B 168 -27.48 17.51 12.50
N PRO B 169 -28.23 16.61 13.14
CA PRO B 169 -27.55 15.48 13.82
C PRO B 169 -26.77 14.58 12.84
N GLN B 170 -27.35 14.44 11.66
CA GLN B 170 -26.75 13.67 10.58
C GLN B 170 -25.43 14.30 10.18
N LEU B 171 -25.48 15.58 9.84
CA LEU B 171 -24.31 16.29 9.36
C LEU B 171 -23.20 16.44 10.39
N GLN B 172 -23.59 16.67 11.64
CA GLN B 172 -22.61 16.78 12.71
C GLN B 172 -21.92 15.47 13.04
N GLU B 173 -22.60 14.34 12.82
CA GLU B 173 -22.01 13.04 13.04
C GLU B 173 -20.83 12.85 12.11
N LEU B 174 -20.98 13.29 10.87
CA LEU B 174 -19.89 13.18 9.91
C LEU B 174 -18.67 14.03 10.26
N LEU B 175 -18.82 15.03 11.14
CA LEU B 175 -17.67 15.80 11.62
C LEU B 175 -16.70 14.98 12.48
N LYS B 176 -17.09 13.76 12.88
CA LYS B 176 -16.18 12.84 13.53
C LYS B 176 -15.13 12.31 12.57
N LEU B 177 -15.37 12.42 11.26
CA LEU B 177 -14.42 11.87 10.30
C LEU B 177 -13.15 12.74 10.26
N PRO B 178 -12.01 12.12 9.97
CA PRO B 178 -10.76 12.88 9.77
C PRO B 178 -10.94 13.86 8.63
N ALA B 179 -10.22 14.99 8.68
CA ALA B 179 -10.43 16.08 7.73
C ALA B 179 -10.30 15.65 6.29
N PHE B 180 -9.38 14.73 5.99
CA PHE B 180 -9.19 14.35 4.59
C PHE B 180 -10.35 13.59 3.94
N MET B 181 -11.26 13.06 4.77
CA MET B 181 -12.46 12.35 4.27
C MET B 181 -13.61 13.31 4.11
N ARG B 182 -13.40 14.59 4.45
CA ARG B 182 -14.45 15.60 4.54
C ARG B 182 -14.19 16.85 3.72
N VAL B 183 -13.00 17.44 3.89
CA VAL B 183 -12.74 18.78 3.40
C VAL B 183 -12.18 18.75 1.98
N THR B 184 -12.57 19.74 1.19
CA THR B 184 -12.07 19.87 -0.17
C THR B 184 -11.03 20.98 -0.22
N SER B 185 -9.92 20.70 -0.90
CA SER B 185 -8.88 21.68 -1.12
C SER B 185 -8.81 22.00 -2.61
N THR B 186 -8.84 23.28 -2.94
CA THR B 186 -8.77 23.73 -4.33
C THR B 186 -8.01 25.06 -4.40
N ILE B 197 -8.96 25.92 0.87
CA ILE B 197 -9.82 24.90 1.42
C ILE B 197 -11.27 25.37 1.34
N LEU B 198 -12.02 24.71 0.47
CA LEU B 198 -13.40 25.09 0.12
C LEU B 198 -14.47 24.48 1.06
N GLY B 199 -14.03 23.78 2.10
CA GLY B 199 -14.94 23.17 3.06
C GLY B 199 -15.43 21.84 2.54
N MET B 200 -16.60 21.41 3.00
CA MET B 200 -17.18 20.14 2.58
C MET B 200 -18.26 20.31 1.51
N ASN B 201 -18.17 19.50 0.45
CA ASN B 201 -19.21 19.43 -0.56
C ASN B 201 -20.47 18.82 0.02
N THR B 202 -21.62 19.09 -0.60
CA THR B 202 -22.87 18.69 0.00
C THR B 202 -23.02 17.16 0.00
N VAL B 203 -23.52 16.67 1.12
CA VAL B 203 -23.73 15.24 1.29
C VAL B 203 -25.00 14.81 0.59
N GLN B 204 -24.95 13.67 -0.09
CA GLN B 204 -26.12 13.11 -0.75
C GLN B 204 -26.48 11.80 -0.06
N LEU B 205 -27.77 11.54 0.02
CA LEU B 205 -28.28 10.27 0.52
C LEU B 205 -28.96 9.50 -0.62
N TYR B 206 -28.85 8.18 -0.56
CA TYR B 206 -29.38 7.27 -1.54
C TYR B 206 -30.12 6.19 -0.74
N MET B 207 -31.40 5.97 -1.09
CA MET B 207 -32.22 4.94 -0.44
CA MET B 207 -32.22 4.94 -0.44
C MET B 207 -32.51 3.85 -1.46
N LYS B 208 -32.16 2.62 -1.12
CA LYS B 208 -32.08 1.58 -2.14
C LYS B 208 -32.86 0.31 -1.84
N VAL B 209 -33.17 -0.40 -2.93
CA VAL B 209 -33.68 -1.76 -2.88
C VAL B 209 -32.84 -2.61 -3.82
N PRO B 210 -32.87 -3.95 -3.65
CA PRO B 210 -31.99 -4.79 -4.46
C PRO B 210 -32.19 -4.52 -5.94
N GLY B 211 -31.09 -4.37 -6.65
CA GLY B 211 -31.11 -4.03 -8.08
C GLY B 211 -30.94 -2.54 -8.38
N SER B 212 -31.01 -1.69 -7.36
CA SER B 212 -30.83 -0.24 -7.54
C SER B 212 -29.44 0.10 -8.07
N ARG B 213 -29.36 0.72 -9.25
CA ARG B 213 -28.10 0.92 -9.95
C ARG B 213 -27.72 2.37 -10.08
N THR B 214 -26.44 2.60 -9.84
CA THR B 214 -25.81 3.88 -10.12
C THR B 214 -24.93 3.64 -11.33
N PRO B 215 -25.31 4.21 -12.47
CA PRO B 215 -24.55 3.87 -13.67
C PRO B 215 -23.13 4.43 -13.72
N GLY B 216 -22.39 4.00 -14.74
CA GLY B 216 -20.96 4.30 -14.90
C GLY B 216 -20.63 5.78 -14.98
N HIS B 217 -19.67 6.22 -14.18
CA HIS B 217 -19.19 7.58 -14.30
C HIS B 217 -17.83 7.75 -13.65
N GLN B 218 -17.18 8.87 -14.00
CA GLN B 218 -16.09 9.45 -13.22
C GLN B 218 -16.63 10.67 -12.48
N GLU B 219 -16.06 11.04 -11.35
CA GLU B 219 -16.44 12.33 -10.74
C GLU B 219 -15.80 13.52 -11.46
N ASN B 220 -16.44 14.68 -11.38
CA ASN B 220 -15.94 15.91 -12.00
C ASN B 220 -14.76 16.53 -11.24
N ASN B 221 -14.10 17.47 -11.92
CA ASN B 221 -13.02 18.28 -11.33
C ASN B 221 -11.89 17.47 -10.72
N ASN B 222 -11.71 16.27 -11.24
CA ASN B 222 -10.75 15.32 -10.71
C ASN B 222 -10.91 15.03 -9.21
N PHE B 223 -12.15 15.19 -8.71
CA PHE B 223 -12.45 14.89 -7.32
C PHE B 223 -12.40 13.39 -7.02
N CYS B 224 -12.14 13.09 -5.76
CA CYS B 224 -12.35 11.77 -5.18
C CYS B 224 -13.75 11.73 -4.61
N SER B 225 -14.33 10.54 -4.51
CA SER B 225 -15.65 10.38 -3.91
C SER B 225 -15.54 9.54 -2.64
N VAL B 226 -16.35 9.83 -1.64
CA VAL B 226 -16.42 9.03 -0.43
C VAL B 226 -17.85 8.52 -0.30
N ASN B 227 -18.01 7.23 0.02
CA ASN B 227 -19.33 6.61 0.13
C ASN B 227 -19.38 5.68 1.35
N ILE B 228 -20.36 5.88 2.21
CA ILE B 228 -20.56 4.98 3.35
C ILE B 228 -21.89 4.22 3.20
N ASN B 229 -21.84 2.89 3.33
CA ASN B 229 -23.03 2.08 3.34
C ASN B 229 -23.59 2.03 4.76
N ILE B 230 -24.83 2.47 4.92
CA ILE B 230 -25.53 2.50 6.21
C ILE B 230 -26.08 1.12 6.55
N GLY B 231 -26.29 0.30 5.53
CA GLY B 231 -26.91 -0.99 5.74
C GLY B 231 -28.44 -0.93 5.74
N PRO B 232 -29.09 -2.04 6.11
CA PRO B 232 -28.47 -3.28 6.61
C PRO B 232 -27.90 -4.18 5.52
N GLY B 233 -28.26 -3.94 4.26
CA GLY B 233 -27.76 -4.75 3.14
C GLY B 233 -26.42 -4.29 2.57
N ASP B 234 -25.94 -5.04 1.57
CA ASP B 234 -24.63 -4.80 0.91
C ASP B 234 -24.81 -4.13 -0.44
N CYS B 235 -23.74 -3.49 -0.93
CA CYS B 235 -23.68 -2.97 -2.30
C CYS B 235 -22.57 -3.68 -3.04
N GLU B 236 -22.74 -3.87 -4.34
CA GLU B 236 -21.70 -4.44 -5.17
C GLU B 236 -21.16 -3.34 -6.06
N TRP B 237 -19.83 -3.23 -6.10
CA TRP B 237 -19.17 -2.15 -6.81
C TRP B 237 -18.32 -2.73 -7.94
N PHE B 238 -18.16 -1.91 -8.97
CA PHE B 238 -17.30 -2.16 -10.11
C PHE B 238 -16.47 -0.93 -10.39
N ALA B 239 -15.20 -1.10 -10.77
CA ALA B 239 -14.36 0.08 -11.04
C ALA B 239 -13.22 -0.26 -11.97
N VAL B 240 -12.77 0.74 -12.75
CA VAL B 240 -11.67 0.62 -13.66
C VAL B 240 -10.74 1.80 -13.42
N HIS B 241 -9.44 1.55 -13.48
CA HIS B 241 -8.43 2.57 -13.31
C HIS B 241 -8.63 3.68 -14.32
N GLU B 242 -8.43 4.93 -13.91
CA GLU B 242 -8.68 6.10 -14.76
C GLU B 242 -7.91 6.05 -16.07
N HIS B 243 -6.77 5.35 -16.09
CA HIS B 243 -5.94 5.15 -17.30
C HIS B 243 -6.75 4.68 -18.48
N TYR B 244 -7.78 3.89 -18.22
CA TYR B 244 -8.60 3.31 -19.29
C TYR B 244 -9.85 4.15 -19.67
N TRP B 245 -9.94 5.39 -19.18
CA TRP B 245 -11.11 6.23 -19.48
C TRP B 245 -11.44 6.35 -20.98
N GLU B 246 -10.41 6.47 -21.82
CA GLU B 246 -10.65 6.68 -23.25
C GLU B 246 -11.28 5.47 -23.92
N THR B 247 -10.87 4.27 -23.54
CA THR B 247 -11.48 3.07 -24.06
C THR B 247 -12.96 3.03 -23.67
N ILE B 248 -13.27 3.37 -22.42
CA ILE B 248 -14.65 3.43 -21.97
C ILE B 248 -15.44 4.47 -22.77
N SER B 249 -14.88 5.66 -22.90
CA SER B 249 -15.51 6.75 -23.63
C SER B 249 -15.81 6.32 -25.06
N ALA B 250 -14.88 5.58 -25.63
CA ALA B 250 -15.00 5.08 -27.00
C ALA B 250 -16.13 4.08 -27.16
N PHE B 251 -16.36 3.25 -26.15
CA PHE B 251 -17.50 2.34 -26.14
C PHE B 251 -18.78 3.18 -26.04
N CYS B 252 -18.76 4.19 -25.19
CA CYS B 252 -19.91 5.11 -25.07
C CYS B 252 -20.26 5.77 -26.42
N ASP B 253 -19.26 6.31 -27.10
CA ASP B 253 -19.46 6.93 -28.40
C ASP B 253 -20.01 5.91 -29.39
N ARG B 254 -19.47 4.72 -29.34
CA ARG B 254 -19.91 3.67 -30.23
C ARG B 254 -21.38 3.36 -30.10
N HIS B 255 -21.90 3.36 -28.87
CA HIS B 255 -23.30 3.03 -28.61
C HIS B 255 -24.22 4.25 -28.53
N GLY B 256 -23.67 5.42 -28.83
CA GLY B 256 -24.47 6.66 -28.94
C GLY B 256 -24.86 7.28 -27.62
N VAL B 257 -24.07 7.01 -26.59
CA VAL B 257 -24.32 7.55 -25.26
C VAL B 257 -23.13 8.42 -24.90
N ASP B 258 -23.39 9.51 -24.19
CA ASP B 258 -22.33 10.43 -23.81
C ASP B 258 -21.59 9.89 -22.60
N TYR B 259 -20.25 9.83 -22.71
CA TYR B 259 -19.42 9.38 -21.61
C TYR B 259 -19.66 10.20 -20.35
N LEU B 260 -19.58 11.52 -20.47
CA LEU B 260 -19.66 12.40 -19.29
C LEU B 260 -21.07 12.56 -18.72
N THR B 261 -22.08 12.68 -19.57
CA THR B 261 -23.43 13.01 -19.08
C THR B 261 -24.45 11.88 -19.22
N GLY B 262 -24.09 10.87 -20.00
CA GLY B 262 -24.99 9.78 -20.33
C GLY B 262 -25.17 8.72 -19.24
N SER B 263 -26.10 7.81 -19.51
CA SER B 263 -26.48 6.78 -18.53
C SER B 263 -26.11 5.43 -19.14
N TRP B 264 -25.05 4.81 -18.62
CA TRP B 264 -24.54 3.57 -19.19
C TRP B 264 -24.01 2.57 -18.15
N TRP B 265 -24.06 1.29 -18.53
CA TRP B 265 -23.64 0.17 -17.71
C TRP B 265 -22.69 -0.69 -18.52
N PRO B 266 -21.39 -0.65 -18.18
CA PRO B 266 -20.41 -1.38 -18.98
C PRO B 266 -20.73 -2.87 -19.13
N ILE B 267 -20.56 -3.38 -20.35
CA ILE B 267 -20.54 -4.81 -20.62
C ILE B 267 -19.13 -5.33 -20.25
N LEU B 268 -19.06 -6.22 -19.26
CA LEU B 268 -17.80 -6.66 -18.69
C LEU B 268 -16.99 -7.38 -19.74
N ASP B 269 -17.67 -8.19 -20.53
CA ASP B 269 -16.99 -8.91 -21.61
C ASP B 269 -16.29 -7.95 -22.58
N ASP B 270 -16.92 -6.82 -22.88
CA ASP B 270 -16.25 -5.78 -23.68
C ASP B 270 -14.96 -5.30 -23.00
N LEU B 271 -15.01 -5.10 -21.68
CA LEU B 271 -13.83 -4.62 -20.95
C LEU B 271 -12.73 -5.68 -20.96
N TYR B 272 -13.10 -6.92 -20.64
CA TYR B 272 -12.11 -7.99 -20.51
C TYR B 272 -11.46 -8.26 -21.86
N ALA B 273 -12.28 -8.20 -22.91
CA ALA B 273 -11.80 -8.35 -24.28
C ALA B 273 -10.85 -7.24 -24.71
N SER B 274 -10.92 -6.07 -24.06
CA SER B 274 -10.01 -4.96 -24.39
C SER B 274 -8.80 -4.97 -23.48
N ASN B 275 -8.65 -6.06 -22.74
CA ASN B 275 -7.57 -6.25 -21.77
C ASN B 275 -7.61 -5.26 -20.61
N ILE B 276 -8.82 -4.93 -20.14
CA ILE B 276 -9.01 -3.98 -19.03
C ILE B 276 -9.36 -4.69 -17.74
N PRO B 277 -8.51 -4.55 -16.70
CA PRO B 277 -8.83 -5.12 -15.41
C PRO B 277 -10.04 -4.43 -14.80
N VAL B 278 -10.93 -5.23 -14.21
CA VAL B 278 -12.07 -4.67 -13.49
C VAL B 278 -12.03 -5.11 -12.05
N TYR B 279 -12.03 -4.13 -11.18
CA TYR B 279 -12.16 -4.34 -9.74
C TYR B 279 -13.62 -4.61 -9.42
N ARG B 280 -13.88 -5.60 -8.59
CA ARG B 280 -15.22 -6.00 -8.20
C ARG B 280 -15.18 -6.34 -6.72
N PHE B 281 -16.04 -5.70 -5.93
CA PHE B 281 -16.02 -5.90 -4.51
C PHE B 281 -17.36 -5.61 -3.90
N VAL B 282 -17.49 -5.98 -2.65
CA VAL B 282 -18.69 -5.82 -1.88
C VAL B 282 -18.44 -4.83 -0.75
N GLN B 283 -19.32 -3.83 -0.66
CA GLN B 283 -19.29 -2.84 0.40
C GLN B 283 -20.34 -3.25 1.43
N ARG B 284 -19.88 -3.58 2.62
CA ARG B 284 -20.78 -3.97 3.70
C ARG B 284 -21.17 -2.78 4.57
N PRO B 285 -22.21 -2.93 5.43
CA PRO B 285 -22.58 -1.82 6.28
C PRO B 285 -21.41 -1.36 7.09
N GLY B 286 -21.25 -0.04 7.18
CA GLY B 286 -20.12 0.55 7.88
C GLY B 286 -18.83 0.70 7.10
N ASP B 287 -18.73 0.11 5.90
CA ASP B 287 -17.54 0.29 5.05
C ASP B 287 -17.62 1.59 4.27
N LEU B 288 -16.50 2.30 4.22
CA LEU B 288 -16.33 3.46 3.40
C LEU B 288 -15.55 3.10 2.16
N VAL B 289 -16.10 3.47 1.01
CA VAL B 289 -15.40 3.34 -0.25
C VAL B 289 -14.86 4.71 -0.64
N TRP B 290 -13.56 4.76 -0.89
CA TRP B 290 -12.86 5.94 -1.36
C TRP B 290 -12.62 5.71 -2.84
N ILE B 291 -13.23 6.54 -3.68
CA ILE B 291 -12.98 6.46 -5.13
C ILE B 291 -11.93 7.51 -5.46
N ASN B 292 -10.81 7.04 -6.02
CA ASN B 292 -9.69 7.91 -6.33
C ASN B 292 -10.03 8.71 -7.60
N ALA B 293 -9.24 9.74 -7.83
CA ALA B 293 -9.49 10.71 -8.87
C ALA B 293 -9.56 10.03 -10.23
N GLY B 294 -10.64 10.29 -10.96
CA GLY B 294 -10.81 9.80 -12.30
C GLY B 294 -11.28 8.36 -12.44
N THR B 295 -11.38 7.63 -11.34
CA THR B 295 -11.73 6.22 -11.41
C THR B 295 -13.15 6.06 -11.96
N VAL B 296 -13.30 5.25 -13.00
CA VAL B 296 -14.64 5.01 -13.57
C VAL B 296 -15.29 3.89 -12.77
N HIS B 297 -16.51 4.11 -12.30
CA HIS B 297 -17.15 3.17 -11.37
C HIS B 297 -18.67 3.13 -11.55
N TRP B 298 -19.25 2.01 -11.12
CA TRP B 298 -20.68 1.79 -11.20
C TRP B 298 -21.01 0.81 -10.10
N VAL B 299 -22.24 0.86 -9.61
CA VAL B 299 -22.62 0.23 -8.34
C VAL B 299 -24.05 -0.30 -8.43
N GLN B 300 -24.30 -1.42 -7.76
CA GLN B 300 -25.65 -1.97 -7.62
C GLN B 300 -25.89 -2.41 -6.20
N ALA B 301 -27.05 -2.08 -5.65
CA ALA B 301 -27.42 -2.57 -4.34
C ALA B 301 -27.75 -4.06 -4.44
N THR B 302 -27.27 -4.83 -3.47
CA THR B 302 -27.52 -6.27 -3.41
C THR B 302 -28.64 -6.55 -2.42
N GLY B 303 -28.75 -5.71 -1.40
CA GLY B 303 -29.79 -5.82 -0.41
C GLY B 303 -30.56 -4.53 -0.29
N TRP B 304 -31.25 -4.37 0.83
CA TRP B 304 -31.97 -3.15 1.15
C TRP B 304 -31.01 -2.34 2.00
N CYS B 305 -30.68 -1.14 1.56
CA CYS B 305 -29.71 -0.30 2.27
C CYS B 305 -29.89 1.16 1.90
N ASN B 306 -29.34 2.02 2.75
CA ASN B 306 -29.06 3.40 2.38
C ASN B 306 -27.55 3.64 2.25
N ASN B 307 -27.16 4.56 1.38
CA ASN B 307 -25.77 5.02 1.28
C ASN B 307 -25.73 6.55 1.41
N ILE B 308 -24.65 7.07 1.97
CA ILE B 308 -24.37 8.54 1.96
C ILE B 308 -23.06 8.75 1.22
N ALA B 309 -22.95 9.85 0.48
CA ALA B 309 -21.79 10.04 -0.38
C ALA B 309 -21.56 11.50 -0.64
N TRP B 310 -20.31 11.83 -0.93
CA TRP B 310 -19.93 13.20 -1.27
C TRP B 310 -18.58 13.18 -1.99
N ASN B 311 -18.27 14.25 -2.70
CA ASN B 311 -16.99 14.36 -3.36
C ASN B 311 -16.01 15.19 -2.54
N VAL B 312 -14.72 14.86 -2.63
CA VAL B 312 -13.70 15.62 -1.93
C VAL B 312 -12.53 15.87 -2.87
N GLY B 313 -12.03 17.09 -2.87
CA GLY B 313 -10.78 17.41 -3.56
C GLY B 313 -9.74 17.28 -2.49
N PRO B 314 -9.05 16.14 -2.44
CA PRO B 314 -8.35 15.73 -1.25
C PRO B 314 -7.25 16.72 -0.80
N LEU B 315 -7.16 16.89 0.52
CA LEU B 315 -6.04 17.57 1.13
C LEU B 315 -4.73 16.92 0.70
N THR B 316 -3.70 17.71 0.42
CA THR B 316 -2.36 17.16 0.22
C THR B 316 -1.85 16.54 1.55
N ALA B 317 -0.81 15.73 1.45
CA ALA B 317 -0.19 15.18 2.66
C ALA B 317 0.22 16.30 3.63
N TYR B 318 0.70 17.37 3.06
CA TYR B 318 1.17 18.44 3.85
C TYR B 318 0.03 19.19 4.55
N GLN B 319 -1.02 19.45 3.82
CA GLN B 319 -2.24 20.04 4.37
C GLN B 319 -2.84 19.23 5.50
N TYR B 320 -2.94 17.93 5.32
CA TYR B 320 -3.47 17.11 6.38
C TYR B 320 -2.56 17.05 7.59
N GLN B 321 -1.24 17.02 7.38
CA GLN B 321 -0.30 17.07 8.50
C GLN B 321 -0.51 18.36 9.32
N LEU B 322 -0.75 19.47 8.64
CA LEU B 322 -1.11 20.70 9.38
C LEU B 322 -2.36 20.49 10.25
N ALA B 323 -3.40 19.89 9.66
CA ALA B 323 -4.62 19.59 10.41
C ALA B 323 -4.35 18.72 11.63
N LEU B 324 -3.56 17.66 11.42
CA LEU B 324 -3.20 16.76 12.53
C LEU B 324 -2.42 17.41 13.65
N GLU B 325 -1.47 18.30 13.29
CA GLU B 325 -0.73 19.07 14.27
C GLU B 325 -1.66 19.88 15.15
N ARG B 326 -2.63 20.57 14.55
CA ARG B 326 -3.61 21.32 15.33
CA ARG B 326 -3.61 21.31 15.33
C ARG B 326 -4.47 20.39 16.18
N TYR B 327 -4.83 19.25 15.63
CA TYR B 327 -5.70 18.32 16.35
C TYR B 327 -4.95 17.83 17.57
N GLU B 328 -3.64 17.62 17.42
CA GLU B 328 -2.77 17.22 18.53
C GLU B 328 -2.50 18.37 19.51
N TRP B 329 -2.12 19.55 18.99
CA TRP B 329 -1.76 20.70 19.85
C TRP B 329 -3.01 21.27 20.50
#